data_8V96
#
_entry.id   8V96
#
_cell.length_a   105.818
_cell.length_b   91.835
_cell.length_c   67.106
_cell.angle_alpha   90.00
_cell.angle_beta   92.98
_cell.angle_gamma   90.00
#
_symmetry.space_group_name_H-M   'C 1 2 1'
#
loop_
_entity.id
_entity.type
_entity.pdbx_description
1 polymer 'Capsid protein VP1'
2 non-polymer 1,2-ETHANEDIOL
3 water water
#
_entity_poly.entity_id   1
_entity_poly.type   'polypeptide(L)'
_entity_poly.pdbx_seq_one_letter_code
;MKMASNDATPSDDGAAGLVPEINNEVMALEPVAGASIAAPVVGQQNIIDPWIRNNFVQAPAGEFTVSPRNSPGELLLDLE
LGPELNPYLAHLARMYNGHAGGMEVQIVLAGNAFTAGKILFAAIPPSFPYENLSPAQLTMCPHVIVDVRQLEPVLLPMPD
IRNVFYHYNQNNSPKLRLVAMLYTPLRANNSGDDVFTVSCRVLTRPSPDFQFTFLVPPTVESKTKNFTLPVLRVSEMTNS
RFPVVLDQMYTSRNENIIVQPQNGRCTTDGELLGTTTLQSVSICNFRGTMQAKLNEQPRYQLQLTNLDGSPIDPTDDMPA
PLGTPDFQAMLYGVASQRSSRDNATRAHDAQIDTAGDTFAPKIGQVRFKSSSDDFDLHDPTKFTPIGVNVDDQHPFRQWS
LPNYGGHLALNNHLAPAVTPLFPGEQILFFRSHIPSAGGHTDGAIDCLLPQEWIEHFYQEAAPSQSDIALVRFINPDTGR
VLLEAKLHKQGFLTVAASGDHPIVMPTNGYFRFEAWVNPFYTLAPVGTGSGRRRIQ
;
_entity_poly.pdbx_strand_id   A,B
#
# COMPACT_ATOMS: atom_id res chain seq x y z
N LYS A 225 -13.59 1.88 -26.62
CA LYS A 225 -13.34 0.80 -25.67
C LYS A 225 -14.44 0.70 -24.62
N ASN A 226 -14.53 -0.45 -23.96
CA ASN A 226 -15.62 -0.74 -23.05
C ASN A 226 -15.18 -0.57 -21.60
N PHE A 227 -16.10 -0.08 -20.78
CA PHE A 227 -15.83 0.14 -19.36
C PHE A 227 -15.88 -1.17 -18.58
N THR A 228 -14.91 -1.35 -17.68
CA THR A 228 -14.90 -2.53 -16.84
C THR A 228 -14.48 -2.18 -15.42
N LEU A 229 -14.82 -3.05 -14.48
CA LEU A 229 -14.36 -2.98 -13.10
C LEU A 229 -13.43 -4.16 -12.79
N PRO A 230 -12.45 -3.97 -11.90
CA PRO A 230 -11.66 -5.12 -11.43
C PRO A 230 -12.56 -6.18 -10.80
N VAL A 231 -12.14 -7.44 -10.86
CA VAL A 231 -12.94 -8.50 -10.26
C VAL A 231 -12.61 -8.83 -8.81
N LEU A 232 -11.99 -7.90 -8.10
CA LEU A 232 -11.49 -8.18 -6.75
C LEU A 232 -12.57 -8.18 -5.67
N ARG A 233 -12.41 -9.07 -4.68
CA ARG A 233 -13.31 -9.08 -3.55
C ARG A 233 -13.03 -7.86 -2.66
N VAL A 234 -13.98 -7.54 -1.78
CA VAL A 234 -13.78 -6.42 -0.85
C VAL A 234 -12.55 -6.67 0.02
N SER A 235 -12.39 -7.89 0.50
CA SER A 235 -11.21 -8.21 1.30
C SER A 235 -9.93 -8.26 0.49
N GLU A 236 -9.98 -8.09 -0.84
CA GLU A 236 -8.80 -8.09 -1.68
C GLU A 236 -8.39 -6.69 -2.09
N MET A 237 -9.08 -5.68 -1.58
CA MET A 237 -8.87 -4.31 -2.00
C MET A 237 -8.44 -3.43 -0.83
N THR A 238 -8.19 -2.16 -1.17
CA THR A 238 -7.49 -1.21 -0.33
C THR A 238 -8.26 0.08 -0.23
N ASN A 239 -8.29 0.65 0.97
CA ASN A 239 -8.86 1.97 1.14
C ASN A 239 -8.05 3.01 0.37
N SER A 240 -8.74 3.97 -0.21
CA SER A 240 -8.08 5.05 -0.95
C SER A 240 -7.88 6.32 -0.10
N ARG A 241 -8.26 6.27 1.18
CA ARG A 241 -8.04 7.41 2.06
C ARG A 241 -7.08 7.09 3.19
N PHE A 242 -6.63 5.86 3.30
CA PHE A 242 -5.60 5.53 4.30
C PHE A 242 -4.99 4.20 3.87
N PRO A 243 -3.67 3.98 4.08
CA PRO A 243 -3.03 2.75 3.55
C PRO A 243 -3.32 1.49 4.34
N VAL A 244 -4.56 1.02 4.19
CA VAL A 244 -5.04 -0.17 4.86
C VAL A 244 -6.05 -0.90 4.00
N VAL A 245 -6.14 -2.21 4.23
CA VAL A 245 -7.10 -3.03 3.52
C VAL A 245 -8.52 -2.58 3.85
N LEU A 246 -9.44 -2.83 2.91
CA LEU A 246 -10.86 -2.63 3.20
C LEU A 246 -11.36 -3.71 4.16
N ASP A 247 -12.33 -3.32 5.00
CA ASP A 247 -13.04 -4.21 5.94
C ASP A 247 -14.42 -4.59 5.44
N GLN A 248 -15.16 -3.67 4.82
CA GLN A 248 -16.59 -3.89 4.58
C GLN A 248 -17.09 -2.74 3.72
N MET A 249 -18.29 -2.93 3.17
CA MET A 249 -19.02 -1.78 2.65
C MET A 249 -20.00 -1.23 3.67
N TYR A 250 -20.33 0.06 3.50
CA TYR A 250 -21.06 0.77 4.54
C TYR A 250 -21.85 1.89 3.90
N THR A 251 -22.99 2.23 4.50
CA THR A 251 -23.78 3.37 4.04
C THR A 251 -24.14 4.28 5.20
N SER A 252 -24.32 5.56 4.87
CA SER A 252 -24.64 6.56 5.88
C SER A 252 -25.40 7.70 5.22
N ARG A 253 -26.29 8.33 5.98
CA ARG A 253 -26.99 9.50 5.48
C ARG A 253 -26.09 10.73 5.46
N ASN A 254 -25.23 10.86 6.47
CA ASN A 254 -24.35 12.02 6.64
C ASN A 254 -25.12 13.34 6.54
N GLU A 255 -26.26 13.40 7.22
CA GLU A 255 -27.10 14.58 7.10
C GLU A 255 -26.41 15.79 7.72
N ASN A 256 -26.47 16.90 7.00
CA ASN A 256 -25.86 18.15 7.42
C ASN A 256 -24.34 18.10 7.48
N ILE A 257 -23.69 17.14 6.80
CA ILE A 257 -22.24 17.09 6.63
C ILE A 257 -21.96 17.31 5.15
N ILE A 258 -20.86 18.01 4.85
CA ILE A 258 -20.36 18.12 3.47
C ILE A 258 -19.33 17.01 3.27
N VAL A 259 -19.69 16.01 2.46
CA VAL A 259 -18.82 14.86 2.20
C VAL A 259 -17.98 15.23 0.99
N GLN A 260 -16.71 15.60 1.22
CA GLN A 260 -15.85 16.14 0.17
CA GLN A 260 -15.85 16.14 0.18
C GLN A 260 -14.43 15.63 0.37
N PRO A 261 -14.24 14.30 0.40
CA PRO A 261 -12.89 13.76 0.57
C PRO A 261 -12.05 14.17 -0.62
N GLN A 262 -10.74 14.35 -0.36
CA GLN A 262 -9.79 14.70 -1.41
C GLN A 262 -8.88 13.57 -1.82
N ASN A 263 -8.69 12.55 -0.98
CA ASN A 263 -8.05 11.34 -1.43
C ASN A 263 -9.09 10.35 -1.92
N GLY A 264 -8.66 9.45 -2.80
CA GLY A 264 -9.58 8.49 -3.40
C GLY A 264 -10.59 9.10 -4.35
N ARG A 265 -10.17 10.09 -5.13
CA ARG A 265 -11.04 10.82 -6.03
C ARG A 265 -10.57 10.65 -7.47
N CYS A 266 -11.42 10.01 -8.29
CA CYS A 266 -11.01 9.70 -9.65
C CYS A 266 -12.31 9.53 -10.43
N THR A 267 -12.39 10.12 -11.62
CA THR A 267 -13.57 9.86 -12.42
C THR A 267 -13.51 8.45 -13.04
N THR A 268 -14.66 7.98 -13.54
CA THR A 268 -14.65 6.67 -14.16
C THR A 268 -13.81 6.63 -15.43
N ASP A 269 -13.58 7.77 -16.10
CA ASP A 269 -12.68 7.81 -17.26
C ASP A 269 -11.24 8.15 -16.88
N GLY A 270 -10.89 8.03 -15.60
CA GLY A 270 -9.52 8.00 -15.16
C GLY A 270 -8.87 9.33 -14.94
N GLU A 271 -9.62 10.38 -14.64
CA GLU A 271 -9.07 11.69 -14.34
C GLU A 271 -8.95 11.79 -12.82
N LEU A 272 -7.72 11.99 -12.35
CA LEU A 272 -7.51 12.07 -10.92
C LEU A 272 -7.85 13.47 -10.41
N LEU A 273 -8.38 13.50 -9.18
CA LEU A 273 -8.87 14.72 -8.57
C LEU A 273 -8.31 14.86 -7.15
N GLY A 274 -8.49 16.05 -6.58
CA GLY A 274 -8.06 16.27 -5.20
C GLY A 274 -6.57 16.05 -5.05
N THR A 275 -6.20 15.29 -4.01
CA THR A 275 -4.81 14.97 -3.71
C THR A 275 -4.48 13.52 -4.05
N THR A 276 -5.28 12.90 -4.90
CA THR A 276 -5.22 11.46 -5.08
C THR A 276 -3.90 11.07 -5.73
N THR A 277 -3.22 10.11 -5.13
CA THR A 277 -2.03 9.50 -5.67
C THR A 277 -2.31 8.04 -6.06
N LEU A 278 -1.47 7.52 -6.93
CA LEU A 278 -1.74 6.20 -7.47
C LEU A 278 -1.38 5.07 -6.49
N GLN A 279 -0.21 5.16 -5.82
CA GLN A 279 0.23 4.09 -4.92
C GLN A 279 -0.48 4.19 -3.57
N SER A 280 -1.21 3.16 -3.21
CA SER A 280 -1.85 3.16 -1.90
C SER A 280 -0.84 3.33 -0.78
N VAL A 281 0.38 2.84 -0.95
CA VAL A 281 1.35 2.96 0.12
C VAL A 281 1.75 4.39 0.39
N SER A 282 1.47 5.31 -0.53
CA SER A 282 1.81 6.72 -0.35
C SER A 282 0.72 7.53 0.37
N ILE A 283 -0.48 6.97 0.57
CA ILE A 283 -1.56 7.75 1.16
C ILE A 283 -1.16 8.15 2.57
N CYS A 284 -1.36 9.43 2.89
CA CYS A 284 -1.04 10.03 4.20
C CYS A 284 0.45 9.98 4.53
N ASN A 285 1.30 9.84 3.52
CA ASN A 285 2.75 9.98 3.69
C ASN A 285 3.17 11.44 3.52
N PHE A 286 4.32 11.78 4.11
CA PHE A 286 4.98 13.03 3.78
C PHE A 286 6.45 12.78 3.53
N ARG A 287 7.07 13.62 2.70
CA ARG A 287 8.50 13.53 2.44
C ARG A 287 9.04 14.95 2.45
N GLY A 288 10.25 15.11 2.99
CA GLY A 288 10.86 16.42 3.02
C GLY A 288 12.21 16.46 3.67
N THR A 289 12.53 17.61 4.29
CA THR A 289 13.76 17.81 5.02
C THR A 289 13.48 18.41 6.38
N MET A 290 14.27 18.03 7.38
CA MET A 290 14.18 18.62 8.72
C MET A 290 14.79 20.01 8.66
N GLN A 291 13.95 21.04 8.70
CA GLN A 291 14.42 22.41 8.57
C GLN A 291 14.88 22.99 9.90
N ALA A 292 14.23 22.61 11.00
CA ALA A 292 14.55 23.24 12.27
C ALA A 292 13.91 22.46 13.41
N LYS A 293 14.53 22.57 14.59
CA LYS A 293 13.90 22.19 15.84
C LYS A 293 13.48 23.47 16.55
N LEU A 294 12.21 23.58 16.89
CA LEU A 294 11.64 24.71 17.60
C LEU A 294 11.62 24.44 19.11
N ASN A 295 11.35 25.49 19.89
CA ASN A 295 11.41 25.37 21.35
C ASN A 295 10.16 24.75 21.95
N GLU A 296 9.04 24.76 21.23
CA GLU A 296 7.78 24.28 21.78
C GLU A 296 7.21 23.16 20.92
N GLN A 297 6.58 22.19 21.59
CA GLN A 297 5.92 21.10 20.89
C GLN A 297 4.82 21.68 20.00
N PRO A 298 4.68 21.22 18.74
CA PRO A 298 5.49 20.21 18.05
C PRO A 298 6.80 20.82 17.59
N ARG A 299 7.92 20.24 18.06
CA ARG A 299 9.21 20.88 17.86
C ARG A 299 9.80 20.71 16.47
N TYR A 300 9.42 19.71 15.70
CA TYR A 300 10.16 19.35 14.49
C TYR A 300 9.50 19.94 13.25
N GLN A 301 10.19 20.85 12.57
CA GLN A 301 9.67 21.54 11.41
C GLN A 301 10.19 20.87 10.13
N LEU A 302 9.27 20.32 9.34
CA LEU A 302 9.65 19.81 8.04
C LEU A 302 9.39 20.89 6.98
N GLN A 303 10.21 20.87 5.94
CA GLN A 303 9.92 21.58 4.70
C GLN A 303 9.73 20.47 3.68
N LEU A 304 8.50 20.36 3.17
CA LEU A 304 8.15 19.23 2.35
C LEU A 304 8.64 19.38 0.93
N THR A 305 8.86 18.26 0.28
CA THR A 305 8.84 18.11 -1.16
C THR A 305 7.54 17.38 -1.50
N ASN A 306 7.29 17.25 -2.79
CA ASN A 306 6.34 16.24 -3.24
C ASN A 306 6.91 14.87 -2.90
N LEU A 307 6.04 13.86 -2.89
CA LEU A 307 6.47 12.51 -2.50
C LEU A 307 7.50 11.95 -3.46
N ASP A 308 7.55 12.40 -4.72
CA ASP A 308 8.55 11.91 -5.66
C ASP A 308 9.91 12.57 -5.48
N GLY A 309 10.01 13.61 -4.63
CA GLY A 309 11.21 14.38 -4.43
C GLY A 309 11.16 15.77 -5.04
N SER A 310 10.36 15.95 -6.10
CA SER A 310 10.30 17.22 -6.78
C SER A 310 9.87 18.31 -5.80
N PRO A 311 10.15 19.56 -6.10
CA PRO A 311 9.78 20.65 -5.19
C PRO A 311 8.32 21.04 -5.28
N ILE A 312 7.80 21.56 -4.17
CA ILE A 312 6.41 22.01 -4.13
C ILE A 312 6.26 23.24 -5.01
N ASP A 313 5.39 23.14 -6.01
CA ASP A 313 5.06 24.25 -6.89
C ASP A 313 3.76 24.87 -6.41
N PRO A 314 3.79 26.02 -5.73
CA PRO A 314 2.54 26.65 -5.28
C PRO A 314 1.62 26.96 -6.44
N THR A 315 2.16 27.02 -7.66
CA THR A 315 1.33 27.21 -8.84
C THR A 315 0.33 26.08 -9.01
N ASP A 316 0.73 24.85 -8.67
CA ASP A 316 -0.05 23.65 -8.96
C ASP A 316 -1.55 23.81 -8.78
N ASP A 317 -2.30 23.08 -9.59
CA ASP A 317 -3.75 23.05 -9.52
C ASP A 317 -4.20 21.85 -8.68
N MET A 318 -3.68 21.82 -7.46
CA MET A 318 -3.91 20.79 -6.47
C MET A 318 -4.09 21.47 -5.13
N PRO A 319 -4.95 20.92 -4.25
CA PRO A 319 -5.13 21.56 -2.94
C PRO A 319 -3.94 21.41 -2.01
N ALA A 320 -3.08 20.45 -2.27
CA ALA A 320 -1.94 20.14 -1.43
C ALA A 320 -1.17 19.04 -2.15
N PRO A 321 0.02 18.68 -1.69
CA PRO A 321 0.78 17.63 -2.37
C PRO A 321 0.02 16.30 -2.39
N LEU A 322 0.30 15.52 -3.42
CA LEU A 322 -0.31 14.21 -3.55
C LEU A 322 -0.14 13.45 -2.24
N GLY A 323 -1.22 12.80 -1.81
CA GLY A 323 -1.19 11.96 -0.63
C GLY A 323 -1.42 12.66 0.70
N THR A 324 -1.41 13.99 0.75
CA THR A 324 -1.67 14.70 1.99
C THR A 324 -2.96 14.17 2.61
N PRO A 325 -3.00 13.99 3.93
CA PRO A 325 -4.25 13.58 4.57
C PRO A 325 -5.39 14.56 4.29
N ASP A 326 -6.62 14.02 4.21
CA ASP A 326 -7.81 14.80 3.90
C ASP A 326 -8.80 14.82 5.05
N PHE A 327 -8.30 14.65 6.28
CA PHE A 327 -9.14 14.62 7.47
C PHE A 327 -8.40 15.36 8.57
N GLN A 328 -9.15 15.79 9.59
CA GLN A 328 -8.58 16.41 10.79
C GLN A 328 -8.39 15.35 11.86
N ALA A 329 -7.16 15.23 12.35
CA ALA A 329 -6.87 14.31 13.44
C ALA A 329 -5.44 14.60 13.87
N MET A 330 -5.06 13.99 14.99
CA MET A 330 -3.65 13.75 15.25
C MET A 330 -3.22 12.48 14.53
N LEU A 331 -2.47 12.66 13.44
CA LEU A 331 -1.97 11.55 12.63
C LEU A 331 -0.73 10.99 13.29
N TYR A 332 -0.72 9.68 13.50
CA TYR A 332 0.34 9.00 14.23
C TYR A 332 1.14 8.11 13.27
N GLY A 333 2.46 8.21 13.35
CA GLY A 333 3.31 7.38 12.52
C GLY A 333 4.76 7.44 12.96
N VAL A 334 5.66 7.25 12.01
CA VAL A 334 7.09 7.21 12.29
C VAL A 334 7.78 8.13 11.30
N ALA A 335 8.64 9.02 11.81
CA ALA A 335 9.52 9.83 11.01
C ALA A 335 10.90 9.17 10.94
N SER A 336 11.36 8.91 9.72
CA SER A 336 12.64 8.26 9.50
C SER A 336 13.54 9.19 8.71
N GLN A 337 14.85 9.04 8.94
CA GLN A 337 15.84 9.89 8.28
C GLN A 337 16.93 9.04 7.66
N ARG A 338 17.52 9.60 6.58
CA ARG A 338 18.69 9.02 5.93
C ARG A 338 19.54 10.17 5.44
N SER A 339 20.76 10.29 5.96
CA SER A 339 21.58 11.46 5.62
C SER A 339 22.02 11.40 4.16
N SER A 340 22.07 12.58 3.52
CA SER A 340 22.44 12.66 2.11
C SER A 340 23.90 12.30 1.90
N ARG A 341 24.77 12.71 2.83
CA ARG A 341 26.20 12.47 2.69
C ARG A 341 26.53 10.97 2.69
N ASP A 342 25.95 10.21 3.63
CA ASP A 342 26.34 8.81 3.72
C ASP A 342 25.26 7.87 4.29
N ASN A 343 23.98 8.23 4.22
CA ASN A 343 22.93 7.27 4.53
C ASN A 343 22.89 6.88 6.01
N ALA A 344 23.25 7.80 6.90
CA ALA A 344 23.06 7.53 8.31
C ALA A 344 21.57 7.59 8.60
N THR A 345 21.06 6.58 9.34
CA THR A 345 19.63 6.46 9.57
C THR A 345 19.22 6.39 11.03
N ARG A 346 17.97 6.77 11.23
CA ARG A 346 17.31 6.70 12.52
C ARG A 346 15.81 6.86 12.25
N ALA A 347 14.99 6.45 13.21
CA ALA A 347 13.54 6.61 13.05
C ALA A 347 12.90 6.60 14.42
N HIS A 348 11.89 7.46 14.62
CA HIS A 348 11.16 7.50 15.88
C HIS A 348 9.71 7.94 15.64
N ASP A 349 8.89 7.75 16.66
CA ASP A 349 7.48 8.14 16.54
C ASP A 349 7.31 9.62 16.28
N ALA A 350 6.30 9.93 15.48
CA ALA A 350 6.01 11.28 15.03
C ALA A 350 4.51 11.40 14.96
N GLN A 351 4.00 12.55 15.39
CA GLN A 351 2.57 12.85 15.35
C GLN A 351 2.37 14.23 14.75
N ILE A 352 1.44 14.32 13.81
CA ILE A 352 1.19 15.54 13.06
C ILE A 352 -0.27 15.92 13.26
N ASP A 353 -0.50 17.14 13.75
CA ASP A 353 -1.87 17.60 14.00
C ASP A 353 -2.40 18.28 12.76
N THR A 354 -3.24 17.57 12.00
CA THR A 354 -3.70 18.12 10.75
C THR A 354 -4.79 19.18 10.95
N ALA A 355 -5.21 19.41 12.20
CA ALA A 355 -6.10 20.50 12.56
C ALA A 355 -5.34 21.70 13.13
N GLY A 356 -4.01 21.61 13.25
CA GLY A 356 -3.26 22.67 13.89
C GLY A 356 -3.07 23.89 13.00
N ASP A 357 -3.02 25.07 13.63
CA ASP A 357 -2.89 26.32 12.87
C ASP A 357 -1.73 26.28 11.90
N THR A 358 -0.62 25.66 12.30
CA THR A 358 0.60 25.70 11.50
C THR A 358 0.66 24.62 10.43
N PHE A 359 -0.31 23.71 10.38
CA PHE A 359 -0.35 22.69 9.34
C PHE A 359 -0.66 23.35 8.02
N ALA A 360 0.33 23.42 7.13
CA ALA A 360 0.21 24.13 5.86
C ALA A 360 0.93 23.35 4.77
N PRO A 361 0.50 22.11 4.51
CA PRO A 361 1.18 21.30 3.49
C PRO A 361 1.18 21.93 2.11
N LYS A 362 0.18 22.76 1.79
CA LYS A 362 0.13 23.39 0.48
C LYS A 362 1.43 24.15 0.19
N ILE A 363 1.95 24.85 1.21
CA ILE A 363 3.18 25.60 1.10
C ILE A 363 4.37 24.84 1.71
N GLY A 364 4.18 23.55 2.01
CA GLY A 364 5.28 22.70 2.38
C GLY A 364 5.73 22.82 3.82
N GLN A 365 4.87 23.31 4.71
CA GLN A 365 5.24 23.58 6.09
C GLN A 365 4.40 22.69 6.99
N VAL A 366 5.05 21.69 7.60
CA VAL A 366 4.40 20.72 8.45
C VAL A 366 5.34 20.46 9.62
N ARG A 367 4.81 20.55 10.83
CA ARG A 367 5.55 20.23 12.04
C ARG A 367 5.04 18.92 12.63
N PHE A 368 5.94 18.17 13.27
CA PHE A 368 5.57 16.95 13.96
C PHE A 368 6.10 16.98 15.39
N LYS A 369 5.39 16.32 16.28
CA LYS A 369 5.87 16.15 17.64
C LYS A 369 6.43 14.74 17.83
N SER A 370 7.49 14.66 18.62
CA SER A 370 8.08 13.40 18.99
C SER A 370 8.69 13.52 20.38
N SER A 371 8.68 12.43 21.10
CA SER A 371 9.33 12.38 22.39
C SER A 371 10.83 12.17 22.26
N SER A 372 11.32 11.90 21.05
CA SER A 372 12.73 11.68 20.84
C SER A 372 13.44 12.98 20.46
N ASP A 373 14.69 13.10 20.94
CA ASP A 373 15.59 14.16 20.51
C ASP A 373 16.58 13.65 19.46
N ASP A 374 16.44 12.39 19.04
CA ASP A 374 17.39 11.77 18.13
C ASP A 374 16.95 11.97 16.67
N PHE A 375 16.87 13.23 16.28
CA PHE A 375 16.69 13.64 14.91
C PHE A 375 17.75 14.69 14.60
N ASP A 376 18.17 14.73 13.36
CA ASP A 376 19.26 15.60 12.92
C ASP A 376 18.75 16.60 11.90
N LEU A 377 19.27 17.81 11.99
CA LEU A 377 18.80 18.87 11.11
C LEU A 377 19.26 18.63 9.66
N HIS A 378 18.42 19.09 8.74
CA HIS A 378 18.77 19.15 7.32
C HIS A 378 19.00 17.78 6.69
N ASP A 379 18.37 16.74 7.22
CA ASP A 379 18.43 15.43 6.60
C ASP A 379 17.10 15.09 5.96
N PRO A 380 17.12 14.38 4.83
CA PRO A 380 15.88 13.88 4.24
C PRO A 380 15.11 13.07 5.27
N THR A 381 13.84 13.40 5.42
CA THR A 381 12.97 12.83 6.45
C THR A 381 11.69 12.35 5.80
N LYS A 382 11.24 11.15 6.17
CA LYS A 382 10.01 10.58 5.63
C LYS A 382 9.07 10.32 6.79
N PHE A 383 7.79 10.63 6.60
CA PHE A 383 6.76 10.30 7.55
C PHE A 383 5.93 9.15 6.99
N THR A 384 5.92 8.02 7.68
CA THR A 384 5.14 6.86 7.30
C THR A 384 3.97 6.80 8.27
N PRO A 385 2.73 6.85 7.80
CA PRO A 385 1.59 6.82 8.71
C PRO A 385 1.31 5.44 9.24
N ILE A 386 0.78 5.40 10.47
CA ILE A 386 0.30 4.18 11.09
C ILE A 386 -1.19 4.26 11.40
N GLY A 387 -1.66 5.40 11.88
CA GLY A 387 -3.03 5.56 12.29
C GLY A 387 -3.25 6.93 12.88
N VAL A 388 -4.17 7.03 13.85
CA VAL A 388 -4.42 8.31 14.50
C VAL A 388 -4.13 8.15 16.00
N ASN A 389 -4.33 9.22 16.76
CA ASN A 389 -4.26 9.20 18.22
C ASN A 389 -5.33 10.16 18.73
N VAL A 390 -6.38 9.62 19.34
CA VAL A 390 -7.58 10.37 19.66
C VAL A 390 -7.57 10.71 21.15
N ASP A 391 -7.80 11.98 21.44
CA ASP A 391 -8.07 12.44 22.81
C ASP A 391 -9.06 13.61 22.73
N ASP A 392 -9.42 14.16 23.89
CA ASP A 392 -10.46 15.20 23.90
C ASP A 392 -10.08 16.39 23.04
N GLN A 393 -8.80 16.78 23.05
CA GLN A 393 -8.38 17.94 22.28
C GLN A 393 -8.16 17.62 20.81
N HIS A 394 -8.19 16.33 20.43
CA HIS A 394 -7.79 15.90 19.10
C HIS A 394 -8.71 14.79 18.62
N PRO A 395 -9.91 15.13 18.20
CA PRO A 395 -10.82 14.12 17.67
C PRO A 395 -10.37 13.70 16.28
N PHE A 396 -10.83 12.53 15.87
CA PHE A 396 -10.66 12.06 14.48
C PHE A 396 -11.95 12.41 13.74
N ARG A 397 -11.88 13.39 12.85
CA ARG A 397 -13.04 13.90 12.10
C ARG A 397 -12.78 13.62 10.62
N GLN A 398 -13.31 12.49 10.13
CA GLN A 398 -12.97 12.01 8.80
C GLN A 398 -13.52 12.85 7.68
N TRP A 399 -14.58 13.64 7.92
CA TRP A 399 -15.19 14.49 6.91
C TRP A 399 -14.80 15.95 7.04
N SER A 400 -13.95 16.31 8.00
CA SER A 400 -13.52 17.70 8.14
C SER A 400 -12.18 17.88 7.44
N LEU A 401 -12.14 18.69 6.38
CA LEU A 401 -10.90 18.85 5.63
C LEU A 401 -9.88 19.69 6.41
N PRO A 402 -8.59 19.38 6.32
CA PRO A 402 -7.59 20.31 6.84
C PRO A 402 -7.66 21.64 6.11
N ASN A 403 -7.15 22.69 6.73
CA ASN A 403 -6.86 23.94 6.02
C ASN A 403 -5.46 23.79 5.43
N TYR A 404 -5.40 23.35 4.17
CA TYR A 404 -4.15 22.94 3.56
C TYR A 404 -3.12 24.07 3.48
N GLY A 405 -3.55 25.33 3.52
CA GLY A 405 -2.64 26.43 3.34
C GLY A 405 -2.16 27.05 4.61
N GLY A 406 -2.67 26.60 5.76
CA GLY A 406 -2.30 27.07 7.07
C GLY A 406 -3.29 28.07 7.62
N HIS A 407 -3.28 28.18 8.96
CA HIS A 407 -3.95 29.23 9.71
C HIS A 407 -5.26 29.68 9.07
N LEU A 408 -6.26 28.81 9.04
CA LEU A 408 -7.59 29.13 8.51
C LEU A 408 -7.50 29.94 7.21
N ALA A 409 -6.87 29.34 6.21
CA ALA A 409 -6.77 29.98 4.89
C ALA A 409 -7.88 29.50 3.97
N LEU A 410 -7.61 29.49 2.66
CA LEU A 410 -8.63 29.18 1.65
C LEU A 410 -8.19 27.97 0.86
N ASN A 411 -8.90 26.87 1.04
CA ASN A 411 -8.67 25.66 0.25
C ASN A 411 -9.10 25.91 -1.19
N ASN A 412 -8.32 25.43 -2.14
CA ASN A 412 -8.64 25.61 -3.55
C ASN A 412 -8.35 24.32 -4.32
N HIS A 413 -8.80 24.29 -5.57
CA HIS A 413 -8.66 23.10 -6.42
C HIS A 413 -9.26 21.86 -5.78
N LEU A 414 -10.31 22.03 -4.95
CA LEU A 414 -10.89 20.91 -4.24
C LEU A 414 -11.74 20.04 -5.16
N ALA A 415 -11.65 18.75 -4.96
CA ALA A 415 -12.63 17.87 -5.55
C ALA A 415 -13.99 18.17 -4.93
N PRO A 416 -15.07 18.15 -5.72
CA PRO A 416 -16.36 18.62 -5.22
C PRO A 416 -16.98 17.66 -4.21
N ALA A 417 -17.87 18.21 -3.40
CA ALA A 417 -18.66 17.40 -2.49
C ALA A 417 -19.57 16.47 -3.26
N VAL A 418 -19.91 15.34 -2.65
CA VAL A 418 -20.75 14.34 -3.29
C VAL A 418 -22.00 14.11 -2.45
N THR A 419 -23.11 13.89 -3.13
CA THR A 419 -24.37 13.60 -2.50
C THR A 419 -25.15 12.71 -3.45
N PRO A 420 -26.06 11.91 -2.93
CA PRO A 420 -26.96 11.22 -3.83
C PRO A 420 -27.89 12.23 -4.45
N LEU A 421 -28.35 11.93 -5.62
CA LEU A 421 -29.18 12.86 -6.37
C LEU A 421 -30.50 12.21 -6.74
N PHE A 422 -31.01 11.36 -5.85
CA PHE A 422 -32.09 10.45 -6.26
C PHE A 422 -32.80 9.96 -5.03
N PRO A 423 -34.13 9.95 -5.03
CA PRO A 423 -34.87 9.57 -3.82
C PRO A 423 -34.56 8.16 -3.36
N GLY A 424 -34.40 8.00 -2.04
CA GLY A 424 -34.19 6.70 -1.45
C GLY A 424 -32.78 6.20 -1.54
N GLU A 425 -31.86 7.03 -2.04
CA GLU A 425 -30.47 6.59 -2.22
C GLU A 425 -29.53 7.22 -1.20
N GLN A 426 -28.45 6.49 -0.92
CA GLN A 426 -27.38 6.96 -0.06
C GLN A 426 -26.07 6.56 -0.73
N ILE A 427 -25.00 7.24 -0.34
CA ILE A 427 -23.70 6.85 -0.85
C ILE A 427 -23.32 5.49 -0.30
N LEU A 428 -22.70 4.67 -1.13
CA LEU A 428 -22.10 3.42 -0.71
C LEU A 428 -20.60 3.65 -0.51
N PHE A 429 -20.12 3.41 0.70
CA PHE A 429 -18.73 3.64 1.05
C PHE A 429 -18.00 2.32 1.21
N PHE A 430 -16.69 2.35 0.98
CA PHE A 430 -15.81 1.24 1.31
C PHE A 430 -15.07 1.61 2.56
N ARG A 431 -15.33 0.87 3.66
CA ARG A 431 -14.85 1.27 4.97
C ARG A 431 -13.69 0.41 5.46
N SER A 432 -12.76 1.06 6.16
CA SER A 432 -11.70 0.40 6.91
C SER A 432 -11.72 0.94 8.33
N HIS A 433 -11.07 0.20 9.26
CA HIS A 433 -10.94 0.68 10.63
C HIS A 433 -9.44 0.79 10.91
N ILE A 434 -8.97 2.01 11.02
CA ILE A 434 -7.53 2.23 11.05
C ILE A 434 -7.03 2.14 12.49
N PRO A 435 -5.74 1.89 12.67
CA PRO A 435 -5.19 1.84 14.03
C PRO A 435 -5.20 3.19 14.73
N SER A 436 -5.08 3.13 16.06
CA SER A 436 -4.99 4.33 16.88
C SER A 436 -4.04 4.07 18.04
N ALA A 437 -3.30 5.11 18.39
CA ALA A 437 -2.38 5.03 19.52
C ALA A 437 -3.03 5.53 20.81
N GLY A 438 -4.29 5.91 20.77
CA GLY A 438 -4.94 6.35 22.01
C GLY A 438 -6.38 6.69 21.76
N GLY A 439 -7.14 6.68 22.85
CA GLY A 439 -8.53 7.07 22.79
C GLY A 439 -9.46 5.92 22.51
N HIS A 440 -10.75 6.18 22.70
CA HIS A 440 -11.79 5.25 22.33
C HIS A 440 -12.23 5.66 20.94
N THR A 441 -11.88 4.86 19.94
CA THR A 441 -12.23 5.20 18.58
C THR A 441 -12.29 3.92 17.77
N ASP A 442 -13.30 3.83 16.90
CA ASP A 442 -13.35 2.70 16.00
C ASP A 442 -12.45 2.88 14.79
N GLY A 443 -11.86 4.06 14.63
CA GLY A 443 -11.00 4.33 13.48
C GLY A 443 -11.67 4.23 12.14
N ALA A 444 -12.98 4.42 12.05
CA ALA A 444 -13.65 4.19 10.78
C ALA A 444 -13.25 5.26 9.78
N ILE A 445 -12.93 4.84 8.54
CA ILE A 445 -12.64 5.78 7.45
C ILE A 445 -13.27 5.24 6.18
N ASP A 446 -14.08 6.07 5.54
CA ASP A 446 -14.94 5.69 4.43
C ASP A 446 -14.40 6.30 3.15
N CYS A 447 -14.12 5.48 2.14
CA CYS A 447 -13.65 6.00 0.87
C CYS A 447 -14.72 5.79 -0.20
N LEU A 448 -14.62 6.58 -1.27
CA LEU A 448 -15.64 6.51 -2.31
C LEU A 448 -15.37 5.41 -3.33
N LEU A 449 -14.10 5.03 -3.51
CA LEU A 449 -13.69 4.05 -4.49
C LEU A 449 -12.53 3.29 -3.89
N PRO A 450 -12.46 1.98 -4.08
CA PRO A 450 -11.24 1.26 -3.70
C PRO A 450 -10.07 1.79 -4.52
N GLN A 451 -8.88 1.82 -3.91
CA GLN A 451 -7.70 2.27 -4.66
C GLN A 451 -7.51 1.46 -5.95
N GLU A 452 -7.83 0.16 -5.92
CA GLU A 452 -7.65 -0.68 -7.11
C GLU A 452 -8.57 -0.22 -8.23
N TRP A 453 -9.77 0.27 -7.90
CA TRP A 453 -10.63 0.78 -8.97
C TRP A 453 -10.02 2.05 -9.56
N ILE A 454 -9.45 2.90 -8.73
CA ILE A 454 -8.82 4.13 -9.22
C ILE A 454 -7.70 3.81 -10.19
N GLU A 455 -6.84 2.87 -9.82
CA GLU A 455 -5.72 2.55 -10.69
C GLU A 455 -6.20 1.93 -12.00
N HIS A 456 -7.26 1.13 -11.95
CA HIS A 456 -7.87 0.58 -13.16
C HIS A 456 -8.42 1.70 -14.05
N PHE A 457 -9.22 2.60 -13.50
CA PHE A 457 -9.80 3.67 -14.32
C PHE A 457 -8.70 4.54 -14.93
N TYR A 458 -7.67 4.88 -14.15
CA TYR A 458 -6.59 5.73 -14.63
C TYR A 458 -5.90 5.15 -15.85
N GLN A 459 -5.69 3.82 -15.86
CA GLN A 459 -5.04 3.17 -16.98
C GLN A 459 -6.00 2.95 -18.14
N GLU A 460 -7.26 2.57 -17.86
CA GLU A 460 -8.18 2.25 -18.95
C GLU A 460 -8.68 3.49 -19.67
N ALA A 461 -8.95 4.56 -18.93
CA ALA A 461 -9.50 5.80 -19.49
C ALA A 461 -10.72 5.52 -20.38
N ALA A 462 -11.59 4.62 -19.93
CA ALA A 462 -12.75 4.26 -20.75
C ALA A 462 -13.81 5.35 -20.67
N PRO A 463 -14.42 5.72 -21.79
CA PRO A 463 -15.42 6.79 -21.76
C PRO A 463 -16.74 6.31 -21.19
N SER A 464 -17.53 7.26 -20.71
CA SER A 464 -18.87 6.96 -20.24
C SER A 464 -19.88 7.29 -21.33
N GLN A 465 -21.01 6.60 -21.29
CA GLN A 465 -22.12 6.89 -22.21
C GLN A 465 -23.24 7.66 -21.55
N SER A 466 -23.19 7.82 -20.22
CA SER A 466 -24.16 8.54 -19.43
C SER A 466 -23.50 8.89 -18.11
N ASP A 467 -24.26 9.50 -17.22
CA ASP A 467 -23.73 9.88 -15.91
C ASP A 467 -23.66 8.72 -14.94
N ILE A 468 -24.34 7.61 -15.23
CA ILE A 468 -24.58 6.56 -14.24
C ILE A 468 -24.33 5.22 -14.90
N ALA A 469 -23.44 4.43 -14.31
CA ALA A 469 -23.25 3.04 -14.71
C ALA A 469 -23.95 2.17 -13.67
N LEU A 470 -24.94 1.41 -14.11
CA LEU A 470 -25.47 0.35 -13.28
C LEU A 470 -24.41 -0.73 -13.11
N VAL A 471 -24.13 -1.08 -11.86
CA VAL A 471 -23.16 -2.13 -11.54
C VAL A 471 -23.87 -3.12 -10.63
N ARG A 472 -23.50 -4.40 -10.74
CA ARG A 472 -24.19 -5.44 -9.98
C ARG A 472 -23.21 -6.28 -9.19
N PHE A 473 -23.48 -6.45 -7.90
CA PHE A 473 -22.66 -7.28 -7.04
C PHE A 473 -23.14 -8.72 -7.21
N ILE A 474 -22.25 -9.58 -7.67
CA ILE A 474 -22.64 -10.94 -8.02
C ILE A 474 -21.91 -11.94 -7.15
N ASN A 475 -22.55 -13.09 -6.96
CA ASN A 475 -21.84 -14.27 -6.48
C ASN A 475 -21.19 -14.93 -7.69
N PRO A 476 -19.86 -15.08 -7.70
CA PRO A 476 -19.20 -15.58 -8.91
C PRO A 476 -19.49 -17.05 -9.20
N ASP A 477 -19.79 -17.83 -8.17
CA ASP A 477 -20.02 -19.26 -8.38
C ASP A 477 -21.30 -19.50 -9.19
N THR A 478 -22.35 -18.73 -8.92
CA THR A 478 -23.64 -18.96 -9.57
C THR A 478 -24.05 -17.88 -10.55
N GLY A 479 -23.49 -16.67 -10.44
CA GLY A 479 -23.94 -15.55 -11.22
C GLY A 479 -25.11 -14.79 -10.64
N ARG A 480 -25.65 -15.24 -9.51
CA ARG A 480 -26.79 -14.57 -8.91
C ARG A 480 -26.45 -13.13 -8.56
N VAL A 481 -27.34 -12.21 -8.93
CA VAL A 481 -27.21 -10.80 -8.59
C VAL A 481 -27.68 -10.59 -7.16
N LEU A 482 -26.81 -10.00 -6.34
CA LEU A 482 -27.06 -9.81 -4.92
C LEU A 482 -27.38 -8.38 -4.53
N LEU A 483 -27.02 -7.40 -5.36
CA LEU A 483 -27.16 -6.00 -5.02
C LEU A 483 -26.91 -5.20 -6.28
N GLU A 484 -27.70 -4.15 -6.48
CA GLU A 484 -27.51 -3.22 -7.58
C GLU A 484 -27.03 -1.89 -6.99
N ALA A 485 -26.12 -1.23 -7.68
CA ALA A 485 -25.64 0.07 -7.29
C ALA A 485 -25.46 0.95 -8.52
N LYS A 486 -25.39 2.25 -8.28
CA LYS A 486 -25.08 3.19 -9.33
C LYS A 486 -23.65 3.68 -9.17
N LEU A 487 -22.83 3.51 -10.19
CA LEU A 487 -21.47 4.07 -10.20
C LEU A 487 -21.56 5.37 -10.99
N HIS A 488 -21.47 6.48 -10.28
CA HIS A 488 -21.56 7.80 -10.90
C HIS A 488 -20.25 8.13 -11.61
N LYS A 489 -20.33 8.78 -12.80
CA LYS A 489 -19.12 9.02 -13.58
C LYS A 489 -18.11 9.90 -12.85
N GLN A 490 -18.56 10.70 -11.89
CA GLN A 490 -17.69 11.54 -11.08
C GLN A 490 -16.85 10.75 -10.07
N GLY A 491 -17.17 9.47 -9.89
CA GLY A 491 -16.33 8.62 -9.04
C GLY A 491 -16.87 8.30 -7.67
N PHE A 492 -18.14 7.90 -7.58
CA PHE A 492 -18.71 7.45 -6.31
C PHE A 492 -19.93 6.60 -6.62
N LEU A 493 -20.38 5.83 -5.62
CA LEU A 493 -21.49 4.90 -5.81
C LEU A 493 -22.64 5.25 -4.89
N THR A 494 -23.85 5.01 -5.37
CA THR A 494 -25.04 5.09 -4.53
C THR A 494 -25.80 3.78 -4.55
N VAL A 495 -26.57 3.56 -3.47
CA VAL A 495 -27.44 2.41 -3.36
C VAL A 495 -28.77 2.89 -2.79
N ALA A 496 -29.81 2.07 -2.97
CA ALA A 496 -31.10 2.31 -2.32
C ALA A 496 -31.04 1.77 -0.90
N ALA A 497 -30.92 2.68 0.05
CA ALA A 497 -30.69 2.32 1.44
C ALA A 497 -31.04 3.52 2.30
N SER A 498 -31.30 3.27 3.57
CA SER A 498 -31.50 4.34 4.52
C SER A 498 -30.81 3.94 5.82
N GLY A 499 -30.31 4.93 6.54
CA GLY A 499 -29.68 4.69 7.83
C GLY A 499 -28.17 4.62 7.73
N ASP A 500 -27.56 4.30 8.87
CA ASP A 500 -26.11 4.14 9.02
C ASP A 500 -25.86 2.72 9.44
N HIS A 501 -25.32 1.89 8.55
CA HIS A 501 -25.10 0.49 8.84
C HIS A 501 -24.20 -0.13 7.78
N PRO A 502 -23.57 -1.26 8.09
CA PRO A 502 -22.84 -2.00 7.06
C PRO A 502 -23.78 -2.49 5.98
N ILE A 503 -23.21 -2.70 4.81
CA ILE A 503 -23.89 -3.34 3.69
C ILE A 503 -23.35 -4.75 3.66
N VAL A 504 -24.15 -5.69 4.15
CA VAL A 504 -23.71 -7.05 4.41
C VAL A 504 -23.85 -7.84 3.13
N MET A 505 -22.74 -8.43 2.68
CA MET A 505 -22.68 -9.12 1.40
C MET A 505 -21.74 -10.29 1.58
N PRO A 506 -21.97 -11.39 0.86
CA PRO A 506 -21.07 -12.53 0.98
C PRO A 506 -19.64 -12.13 0.64
N THR A 507 -18.71 -12.67 1.42
CA THR A 507 -17.32 -12.26 1.31
C THR A 507 -16.74 -12.48 -0.09
N ASN A 508 -17.32 -13.37 -0.88
CA ASN A 508 -16.75 -13.70 -2.18
C ASN A 508 -17.31 -12.89 -3.34
N GLY A 509 -18.24 -11.98 -3.12
CA GLY A 509 -18.87 -11.30 -4.24
C GLY A 509 -18.05 -10.12 -4.76
N TYR A 510 -18.44 -9.63 -5.93
CA TYR A 510 -17.81 -8.45 -6.51
C TYR A 510 -18.75 -7.77 -7.50
N PHE A 511 -18.46 -6.51 -7.78
CA PHE A 511 -19.24 -5.71 -8.70
C PHE A 511 -18.82 -5.94 -10.13
N ARG A 512 -19.80 -5.96 -11.03
CA ARG A 512 -19.59 -6.08 -12.48
C ARG A 512 -20.38 -4.99 -13.18
N PHE A 513 -19.75 -4.30 -14.13
CA PHE A 513 -20.45 -3.31 -14.91
C PHE A 513 -21.56 -3.96 -15.73
N GLU A 514 -22.74 -3.34 -15.74
CA GLU A 514 -23.85 -3.81 -16.56
C GLU A 514 -24.14 -2.91 -17.75
N ALA A 515 -24.34 -1.61 -17.54
CA ALA A 515 -24.76 -0.71 -18.60
C ALA A 515 -24.74 0.71 -18.09
N TRP A 516 -24.53 1.64 -19.02
CA TRP A 516 -24.78 3.05 -18.75
C TRP A 516 -26.28 3.29 -18.87
N VAL A 517 -26.88 3.83 -17.81
CA VAL A 517 -28.32 3.96 -17.74
C VAL A 517 -28.70 5.43 -17.70
N ASN A 518 -29.96 5.69 -18.01
CA ASN A 518 -30.47 7.06 -18.02
C ASN A 518 -30.79 7.52 -16.61
N PRO A 519 -31.15 8.79 -16.45
CA PRO A 519 -31.32 9.35 -15.10
C PRO A 519 -32.47 8.77 -14.30
N PHE A 520 -33.39 8.02 -14.92
CA PHE A 520 -34.56 7.58 -14.19
C PHE A 520 -34.44 6.17 -13.62
N TYR A 521 -33.30 5.51 -13.75
CA TYR A 521 -33.20 4.13 -13.30
C TYR A 521 -33.31 4.03 -11.77
N THR A 522 -34.18 3.14 -11.31
CA THR A 522 -34.41 2.93 -9.89
C THR A 522 -33.78 1.61 -9.48
N LEU A 523 -33.06 1.62 -8.37
CA LEU A 523 -32.33 0.45 -7.92
C LEU A 523 -33.19 -0.46 -7.07
N ALA A 524 -32.85 -1.73 -7.06
CA ALA A 524 -33.55 -2.62 -6.12
C ALA A 524 -33.01 -2.30 -4.70
N PRO A 525 -33.89 -2.14 -3.69
CA PRO A 525 -33.50 -1.85 -2.31
C PRO A 525 -32.59 -2.90 -1.66
N LYS B 225 -7.37 -14.32 -25.52
CA LYS B 225 -6.90 -13.59 -24.35
C LYS B 225 -5.42 -13.23 -24.47
N ASN B 226 -5.16 -12.07 -25.07
CA ASN B 226 -3.82 -11.58 -25.31
C ASN B 226 -3.16 -11.13 -24.00
N PHE B 227 -1.86 -11.35 -23.90
CA PHE B 227 -1.12 -10.96 -22.71
C PHE B 227 -0.75 -9.47 -22.79
N THR B 228 -0.96 -8.76 -21.67
CA THR B 228 -0.64 -7.35 -21.59
C THR B 228 0.04 -7.00 -20.27
N LEU B 229 0.82 -5.88 -20.32
CA LEU B 229 1.43 -5.29 -19.14
C LEU B 229 0.77 -3.95 -18.81
N PRO B 230 0.69 -3.58 -17.53
CA PRO B 230 0.23 -2.24 -17.19
C PRO B 230 1.11 -1.21 -17.85
N VAL B 231 0.52 -0.03 -18.07
CA VAL B 231 1.27 1.06 -18.69
C VAL B 231 2.01 1.95 -17.68
N LEU B 232 1.95 1.64 -16.40
CA LEU B 232 2.47 2.56 -15.40
C LEU B 232 3.98 2.74 -15.50
N ARG B 233 4.42 3.96 -15.19
CA ARG B 233 5.81 4.30 -15.04
C ARG B 233 6.39 3.67 -13.77
N VAL B 234 7.72 3.51 -13.72
CA VAL B 234 8.37 2.95 -12.53
C VAL B 234 7.98 3.75 -11.29
N SER B 235 8.03 5.08 -11.38
CA SER B 235 7.65 5.95 -10.25
C SER B 235 6.16 5.94 -9.92
N GLU B 236 5.32 5.28 -10.70
CA GLU B 236 3.90 5.13 -10.40
C GLU B 236 3.60 3.77 -9.80
N MET B 237 4.62 2.94 -9.54
CA MET B 237 4.45 1.57 -9.09
C MET B 237 5.06 1.33 -7.72
N THR B 238 4.83 0.12 -7.22
CA THR B 238 5.09 -0.25 -5.83
C THR B 238 5.91 -1.52 -5.76
N ASN B 239 6.84 -1.54 -4.81
CA ASN B 239 7.58 -2.75 -4.53
C ASN B 239 6.63 -3.84 -4.03
N SER B 240 6.89 -5.08 -4.42
CA SER B 240 6.08 -6.21 -4.02
C SER B 240 6.69 -6.98 -2.84
N ARG B 241 7.79 -6.47 -2.28
CA ARG B 241 8.46 -7.13 -1.17
C ARG B 241 8.53 -6.24 0.05
N PHE B 242 8.06 -5.00 -0.04
CA PHE B 242 7.94 -4.09 1.08
C PHE B 242 7.00 -2.97 0.68
N PRO B 243 6.20 -2.45 1.60
CA PRO B 243 5.17 -1.46 1.19
C PRO B 243 5.72 -0.05 0.99
N VAL B 244 6.43 0.10 -0.15
CA VAL B 244 7.07 1.35 -0.52
C VAL B 244 7.04 1.48 -2.04
N VAL B 245 7.07 2.71 -2.51
CA VAL B 245 7.11 2.94 -3.95
C VAL B 245 8.42 2.43 -4.54
N LEU B 246 8.38 2.16 -5.84
CA LEU B 246 9.61 1.85 -6.57
C LEU B 246 10.40 3.13 -6.83
N ASP B 247 11.74 2.98 -6.88
CA ASP B 247 12.69 4.05 -7.18
C ASP B 247 13.36 3.87 -8.54
N GLN B 248 13.70 2.65 -8.91
CA GLN B 248 14.53 2.43 -10.11
C GLN B 248 14.48 0.95 -10.48
N MET B 249 14.95 0.66 -11.69
CA MET B 249 15.29 -0.72 -12.03
C MET B 249 16.76 -0.96 -11.77
N TYR B 250 17.10 -2.22 -11.54
CA TYR B 250 18.43 -2.60 -11.11
C TYR B 250 18.73 -4.01 -11.59
N THR B 251 19.97 -4.25 -11.99
CA THR B 251 20.39 -5.60 -12.30
C THR B 251 21.59 -6.01 -11.46
N SER B 252 21.67 -7.30 -11.18
CA SER B 252 22.82 -7.82 -10.46
C SER B 252 23.02 -9.27 -10.82
N ARG B 253 24.26 -9.73 -10.65
CA ARG B 253 24.59 -11.12 -10.87
C ARG B 253 24.22 -11.99 -9.69
N ASN B 254 24.23 -11.44 -8.47
CA ASN B 254 23.95 -12.21 -7.27
C ASN B 254 24.76 -13.50 -7.23
N GLU B 255 26.06 -13.36 -7.43
CA GLU B 255 26.96 -14.50 -7.45
C GLU B 255 26.82 -15.37 -6.21
N ASN B 256 26.54 -16.64 -6.44
CA ASN B 256 26.43 -17.68 -5.43
C ASN B 256 25.26 -17.49 -4.47
N ILE B 257 24.40 -16.51 -4.70
CA ILE B 257 23.24 -16.28 -3.87
C ILE B 257 22.07 -17.02 -4.48
N ILE B 258 21.25 -17.64 -3.64
CA ILE B 258 19.99 -18.23 -4.07
C ILE B 258 18.91 -17.15 -3.97
N VAL B 259 18.42 -16.71 -5.13
CA VAL B 259 17.37 -15.69 -5.23
C VAL B 259 16.04 -16.43 -5.19
N GLN B 260 15.37 -16.39 -4.04
CA GLN B 260 14.14 -17.13 -3.86
C GLN B 260 13.15 -16.33 -3.01
N PRO B 261 12.85 -15.10 -3.40
CA PRO B 261 11.85 -14.32 -2.64
C PRO B 261 10.49 -15.02 -2.65
N GLN B 262 9.73 -14.85 -1.56
CA GLN B 262 8.38 -15.40 -1.43
C GLN B 262 7.26 -14.38 -1.57
N ASN B 263 7.57 -13.09 -1.41
CA ASN B 263 6.65 -12.03 -1.76
C ASN B 263 6.97 -11.51 -3.16
N GLY B 264 5.96 -10.98 -3.81
CA GLY B 264 6.12 -10.53 -5.18
C GLY B 264 6.28 -11.67 -6.15
N ARG B 265 5.54 -12.77 -5.95
CA ARG B 265 5.67 -13.98 -6.74
C ARG B 265 4.34 -14.27 -7.44
N CYS B 266 4.35 -14.23 -8.76
CA CYS B 266 3.13 -14.45 -9.53
C CYS B 266 3.55 -14.89 -10.92
N THR B 267 2.86 -15.90 -11.44
CA THR B 267 3.15 -16.29 -12.81
C THR B 267 2.52 -15.31 -13.79
N THR B 268 3.00 -15.34 -15.05
CA THR B 268 2.45 -14.40 -16.01
C THR B 268 0.96 -14.63 -16.28
N ASP B 269 0.47 -15.86 -16.05
CA ASP B 269 -0.94 -16.19 -16.24
C ASP B 269 -1.73 -16.01 -14.96
N GLY B 270 -1.15 -15.39 -13.95
CA GLY B 270 -1.91 -14.89 -12.82
C GLY B 270 -2.00 -15.79 -11.61
N GLU B 271 -1.11 -16.77 -11.46
CA GLU B 271 -1.13 -17.65 -10.29
C GLU B 271 -0.19 -17.06 -9.24
N LEU B 272 -0.76 -16.61 -8.12
CA LEU B 272 0.03 -16.07 -7.03
C LEU B 272 0.72 -17.19 -6.25
N LEU B 273 1.97 -16.95 -5.85
CA LEU B 273 2.80 -17.99 -5.26
C LEU B 273 3.42 -17.54 -3.94
N GLY B 274 4.04 -18.48 -3.22
CA GLY B 274 4.72 -18.14 -1.98
C GLY B 274 3.78 -17.52 -0.93
N THR B 275 4.21 -16.40 -0.35
CA THR B 275 3.41 -15.65 0.60
C THR B 275 2.80 -14.39 -0.01
N THR B 276 2.66 -14.36 -1.33
CA THR B 276 2.26 -13.12 -2.00
C THR B 276 0.80 -12.82 -1.74
N THR B 277 0.52 -11.60 -1.28
CA THR B 277 -0.83 -11.10 -1.14
C THR B 277 -1.08 -9.99 -2.16
N LEU B 278 -2.36 -9.68 -2.38
CA LEU B 278 -2.68 -8.76 -3.46
C LEU B 278 -2.47 -7.29 -3.09
N GLN B 279 -2.70 -6.93 -1.84
CA GLN B 279 -2.61 -5.54 -1.40
C GLN B 279 -1.20 -5.22 -0.97
N SER B 280 -0.61 -4.20 -1.60
CA SER B 280 0.73 -3.79 -1.20
C SER B 280 0.78 -3.35 0.27
N VAL B 281 -0.32 -2.79 0.78
CA VAL B 281 -0.29 -2.26 2.13
C VAL B 281 -0.13 -3.37 3.14
N SER B 282 -0.41 -4.61 2.75
CA SER B 282 -0.31 -5.76 3.65
C SER B 282 1.07 -6.41 3.69
N ILE B 283 1.99 -6.03 2.79
CA ILE B 283 3.29 -6.66 2.75
C ILE B 283 4.03 -6.40 4.06
N CYS B 284 4.58 -7.48 4.66
CA CYS B 284 5.35 -7.40 5.91
C CYS B 284 4.50 -7.01 7.12
N ASN B 285 3.18 -7.21 7.01
CA ASN B 285 2.24 -6.99 8.08
C ASN B 285 2.04 -8.30 8.84
N PHE B 286 1.63 -8.18 10.12
CA PHE B 286 1.14 -9.29 10.92
C PHE B 286 -0.15 -8.89 11.63
N ARG B 287 -1.04 -9.87 11.85
CA ARG B 287 -2.32 -9.65 12.52
C ARG B 287 -2.53 -10.81 13.48
N GLY B 288 -3.16 -10.52 14.62
CA GLY B 288 -3.43 -11.59 15.59
C GLY B 288 -3.88 -11.03 16.92
N THR B 289 -3.56 -11.79 17.98
CA THR B 289 -3.86 -11.40 19.35
C THR B 289 -2.61 -11.61 20.19
N MET B 290 -2.52 -10.88 21.28
CA MET B 290 -1.37 -10.96 22.17
C MET B 290 -1.59 -12.12 23.14
N GLN B 291 -0.81 -13.19 22.96
CA GLN B 291 -1.00 -14.41 23.73
C GLN B 291 -0.42 -14.30 25.13
N ALA B 292 0.65 -13.52 25.29
CA ALA B 292 1.40 -13.57 26.52
C ALA B 292 2.40 -12.44 26.55
N LYS B 293 2.75 -11.99 27.76
CA LYS B 293 3.91 -11.15 27.97
C LYS B 293 4.95 -12.00 28.70
N LEU B 294 6.06 -12.27 28.01
CA LEU B 294 7.10 -13.14 28.53
C LEU B 294 8.09 -12.33 29.36
N ASN B 295 9.06 -13.02 29.98
CA ASN B 295 10.02 -12.35 30.84
C ASN B 295 11.14 -11.70 30.04
N GLU B 296 11.61 -12.37 29.00
CA GLU B 296 12.80 -11.95 28.27
C GLU B 296 12.37 -11.18 27.03
N GLN B 297 13.21 -10.23 26.63
CA GLN B 297 13.02 -9.54 25.35
C GLN B 297 13.37 -10.50 24.23
N PRO B 298 12.53 -10.65 23.19
CA PRO B 298 11.25 -9.97 22.91
C PRO B 298 10.10 -10.46 23.78
N ARG B 299 9.60 -9.57 24.63
CA ARG B 299 8.66 -10.01 25.65
C ARG B 299 7.29 -10.33 25.08
N TYR B 300 6.91 -9.74 23.95
CA TYR B 300 5.51 -9.78 23.54
C TYR B 300 5.31 -10.87 22.50
N GLN B 301 4.45 -11.83 22.83
CA GLN B 301 4.25 -13.04 22.04
C GLN B 301 2.90 -12.94 21.33
N LEU B 302 2.94 -12.96 20.00
CA LEU B 302 1.70 -12.92 19.23
C LEU B 302 1.23 -14.33 18.90
N GLN B 303 -0.08 -14.47 18.77
CA GLN B 303 -0.70 -15.64 18.14
C GLN B 303 -1.43 -15.12 16.90
N LEU B 304 -0.97 -15.53 15.72
CA LEU B 304 -1.35 -14.88 14.48
C LEU B 304 -2.64 -15.43 13.88
N THR B 305 -3.33 -14.59 13.16
CA THR B 305 -4.31 -15.02 12.19
C THR B 305 -3.77 -14.69 10.80
N ASN B 306 -4.56 -14.99 9.78
CA ASN B 306 -4.30 -14.43 8.48
C ASN B 306 -4.68 -12.95 8.50
N LEU B 307 -4.10 -12.19 7.59
CA LEU B 307 -4.35 -10.76 7.58
C LEU B 307 -5.80 -10.39 7.30
N ASP B 308 -6.59 -11.26 6.68
CA ASP B 308 -8.00 -10.98 6.45
C ASP B 308 -8.85 -11.29 7.69
N GLY B 309 -8.24 -11.79 8.75
CA GLY B 309 -8.91 -12.17 9.96
C GLY B 309 -9.18 -13.66 10.04
N SER B 310 -9.42 -14.30 8.90
CA SER B 310 -9.65 -15.74 8.80
C SER B 310 -8.58 -16.48 9.59
N PRO B 311 -8.85 -17.69 10.08
CA PRO B 311 -7.85 -18.40 10.88
C PRO B 311 -6.81 -19.06 10.00
N ILE B 312 -5.76 -19.56 10.65
CA ILE B 312 -4.61 -20.17 9.97
C ILE B 312 -4.92 -21.64 9.73
N ASP B 313 -5.27 -21.99 8.51
CA ASP B 313 -5.39 -23.39 8.08
C ASP B 313 -3.99 -24.00 7.95
N PRO B 314 -3.61 -24.95 8.82
CA PRO B 314 -2.23 -25.45 8.79
C PRO B 314 -1.96 -26.41 7.64
N THR B 315 -3.00 -26.95 7.01
CA THR B 315 -2.85 -27.75 5.81
C THR B 315 -2.63 -26.90 4.57
N ASP B 316 -2.32 -25.63 4.75
CA ASP B 316 -2.35 -24.69 3.65
C ASP B 316 -1.06 -24.76 2.85
N ASP B 317 -1.19 -24.63 1.53
CA ASP B 317 -0.04 -24.70 0.62
C ASP B 317 0.64 -23.33 0.50
N MET B 318 1.12 -22.84 1.64
CA MET B 318 1.91 -21.61 1.69
C MET B 318 3.00 -21.78 2.74
N PRO B 319 4.16 -21.13 2.56
CA PRO B 319 5.24 -21.28 3.55
C PRO B 319 4.94 -20.61 4.87
N ALA B 320 4.00 -19.67 4.89
CA ALA B 320 3.63 -18.87 6.05
C ALA B 320 2.44 -18.01 5.66
N PRO B 321 1.80 -17.31 6.58
CA PRO B 321 0.66 -16.47 6.20
C PRO B 321 1.06 -15.48 5.12
N LEU B 322 0.12 -15.22 4.22
CA LEU B 322 0.36 -14.22 3.19
C LEU B 322 0.78 -12.91 3.84
N GLY B 323 1.76 -12.24 3.22
CA GLY B 323 2.30 -11.01 3.76
C GLY B 323 3.50 -11.17 4.66
N THR B 324 3.78 -12.36 5.16
CA THR B 324 4.93 -12.55 6.03
C THR B 324 6.20 -12.05 5.35
N PRO B 325 7.09 -11.35 6.06
CA PRO B 325 8.39 -10.97 5.47
C PRO B 325 9.16 -12.16 4.91
N ASP B 326 9.92 -11.90 3.84
CA ASP B 326 10.69 -12.93 3.17
C ASP B 326 12.19 -12.67 3.21
N PHE B 327 12.66 -11.88 4.19
CA PHE B 327 14.07 -11.59 4.34
C PHE B 327 14.40 -11.65 5.83
N GLN B 328 15.70 -11.72 6.11
CA GLN B 328 16.21 -11.74 7.47
C GLN B 328 16.64 -10.33 7.83
N ALA B 329 16.08 -9.81 8.91
CA ALA B 329 16.43 -8.47 9.36
C ALA B 329 15.77 -8.28 10.72
N MET B 330 16.13 -7.18 11.37
CA MET B 330 15.30 -6.67 12.44
C MET B 330 14.28 -5.75 11.76
N LEU B 331 13.05 -6.20 11.72
CA LEU B 331 11.95 -5.45 11.10
C LEU B 331 11.37 -4.49 12.13
N TYR B 332 11.32 -3.22 11.76
CA TYR B 332 10.91 -2.14 12.65
C TYR B 332 9.53 -1.67 12.23
N GLY B 333 8.64 -1.53 13.19
CA GLY B 333 7.30 -1.03 12.92
C GLY B 333 6.58 -0.61 14.19
N VAL B 334 5.25 -0.67 14.15
CA VAL B 334 4.40 -0.29 15.28
C VAL B 334 3.38 -1.38 15.53
N ALA B 335 3.25 -1.80 16.79
CA ALA B 335 2.25 -2.76 17.20
C ALA B 335 1.10 -1.96 17.81
N SER B 336 -0.10 -2.16 17.28
CA SER B 336 -1.28 -1.40 17.66
C SER B 336 -2.34 -2.36 18.14
N GLN B 337 -3.18 -1.90 19.09
CA GLN B 337 -4.27 -2.70 19.61
C GLN B 337 -5.56 -1.90 19.70
N ARG B 338 -6.68 -2.61 19.57
CA ARG B 338 -8.00 -2.06 19.83
C ARG B 338 -8.76 -3.04 20.71
N SER B 339 -9.21 -2.58 21.87
CA SER B 339 -10.05 -3.39 22.74
C SER B 339 -11.47 -3.41 22.18
N SER B 340 -11.99 -4.60 21.94
CA SER B 340 -13.29 -4.74 21.29
C SER B 340 -14.43 -4.21 22.17
N ARG B 341 -14.34 -4.42 23.48
CA ARG B 341 -15.49 -4.08 24.32
C ARG B 341 -15.77 -2.58 24.33
N ASP B 342 -14.73 -1.74 24.28
CA ASP B 342 -14.96 -0.30 24.32
C ASP B 342 -14.18 0.50 23.29
N ASN B 343 -13.46 -0.16 22.38
CA ASN B 343 -12.70 0.53 21.33
C ASN B 343 -11.54 1.34 21.91
N ALA B 344 -11.09 1.02 23.12
CA ALA B 344 -9.88 1.61 23.64
C ALA B 344 -8.68 1.17 22.80
N THR B 345 -7.77 2.10 22.51
CA THR B 345 -6.67 1.83 21.59
C THR B 345 -5.34 2.20 22.23
N ARG B 346 -4.28 1.56 21.75
CA ARG B 346 -2.90 1.87 22.11
C ARG B 346 -1.98 1.33 21.00
N ALA B 347 -0.80 1.92 20.91
CA ALA B 347 0.15 1.56 19.87
C ALA B 347 1.54 2.01 20.28
N HIS B 348 2.53 1.16 20.04
CA HIS B 348 3.91 1.49 20.36
C HIS B 348 4.86 0.83 19.39
N ASP B 349 6.11 1.30 19.38
CA ASP B 349 7.10 0.71 18.50
C ASP B 349 7.34 -0.75 18.84
N ALA B 350 7.58 -1.54 17.82
CA ALA B 350 7.78 -2.98 17.93
C ALA B 350 8.81 -3.39 16.91
N GLN B 351 9.69 -4.31 17.28
CA GLN B 351 10.72 -4.84 16.39
C GLN B 351 10.62 -6.36 16.40
N ILE B 352 10.71 -6.95 15.20
CA ILE B 352 10.57 -8.39 15.02
C ILE B 352 11.82 -8.88 14.31
N ASP B 353 12.55 -9.81 14.94
CA ASP B 353 13.77 -10.38 14.35
C ASP B 353 13.32 -11.58 13.55
N THR B 354 13.25 -11.41 12.23
CA THR B 354 12.82 -12.50 11.36
C THR B 354 13.88 -13.59 11.22
N ALA B 355 15.08 -13.41 11.78
CA ALA B 355 16.10 -14.44 11.83
C ALA B 355 16.14 -15.11 13.21
N GLY B 356 15.25 -14.74 14.12
CA GLY B 356 15.32 -15.21 15.48
C GLY B 356 14.70 -16.58 15.69
N ASP B 357 15.12 -17.24 16.77
CA ASP B 357 14.74 -18.61 17.00
C ASP B 357 13.24 -18.77 17.24
N THR B 358 12.60 -17.77 17.83
CA THR B 358 11.17 -17.83 18.10
C THR B 358 10.32 -17.36 16.93
N PHE B 359 10.93 -16.99 15.80
CA PHE B 359 10.19 -16.53 14.63
C PHE B 359 9.67 -17.77 13.90
N ALA B 360 8.39 -18.06 14.08
CA ALA B 360 7.76 -19.24 13.47
C ALA B 360 6.37 -18.87 12.99
N PRO B 361 6.27 -17.96 12.02
CA PRO B 361 4.95 -17.55 11.56
C PRO B 361 4.13 -18.66 10.96
N LYS B 362 4.76 -19.68 10.38
CA LYS B 362 4.02 -20.79 9.80
C LYS B 362 3.06 -21.38 10.82
N ILE B 363 3.52 -21.59 12.05
CA ILE B 363 2.69 -22.10 13.14
C ILE B 363 2.08 -20.98 13.97
N GLY B 364 2.16 -19.74 13.50
CA GLY B 364 1.45 -18.64 14.10
C GLY B 364 2.14 -18.01 15.28
N GLN B 365 3.44 -18.22 15.44
CA GLN B 365 4.17 -17.81 16.64
C GLN B 365 5.21 -16.77 16.23
N VAL B 366 4.95 -15.52 16.58
CA VAL B 366 5.90 -14.43 16.38
C VAL B 366 5.96 -13.62 17.66
N ARG B 367 7.15 -13.15 18.02
CA ARG B 367 7.33 -12.28 19.18
C ARG B 367 7.97 -10.98 18.75
N PHE B 368 7.55 -9.88 19.38
CA PHE B 368 8.15 -8.58 19.14
C PHE B 368 8.65 -7.94 20.43
N LYS B 369 9.69 -7.14 20.29
CA LYS B 369 10.23 -6.38 21.41
C LYS B 369 9.76 -4.94 21.33
N SER B 370 9.48 -4.37 22.50
CA SER B 370 9.04 -2.99 22.57
C SER B 370 9.54 -2.40 23.87
N SER B 371 9.89 -1.12 23.84
CA SER B 371 10.25 -0.45 25.08
C SER B 371 9.04 -0.14 25.95
N SER B 372 7.82 -0.31 25.44
CA SER B 372 6.62 0.04 26.20
C SER B 372 6.09 -1.17 26.94
N ASP B 373 5.47 -0.89 28.09
CA ASP B 373 4.69 -1.89 28.82
C ASP B 373 3.19 -1.75 28.60
N ASP B 374 2.77 -0.79 27.79
CA ASP B 374 1.36 -0.45 27.63
C ASP B 374 0.75 -1.28 26.51
N PHE B 375 0.63 -2.58 26.78
CA PHE B 375 -0.07 -3.53 25.91
C PHE B 375 -1.03 -4.34 26.78
N ASP B 376 -2.19 -4.66 26.21
CA ASP B 376 -3.17 -5.49 26.88
C ASP B 376 -3.08 -6.92 26.38
N LEU B 377 -2.97 -7.86 27.30
CA LEU B 377 -3.04 -9.27 26.93
C LEU B 377 -4.39 -9.54 26.28
N HIS B 378 -4.36 -10.33 25.21
CA HIS B 378 -5.55 -10.86 24.51
C HIS B 378 -6.27 -9.87 23.60
N ASP B 379 -5.83 -8.64 23.49
CA ASP B 379 -6.48 -7.77 22.53
C ASP B 379 -6.02 -8.11 21.11
N PRO B 380 -6.87 -7.87 20.13
CA PRO B 380 -6.39 -7.84 18.73
C PRO B 380 -5.18 -6.94 18.60
N THR B 381 -4.16 -7.42 17.87
CA THR B 381 -2.93 -6.66 17.73
C THR B 381 -2.47 -6.74 16.28
N LYS B 382 -2.05 -5.59 15.76
CA LYS B 382 -1.61 -5.46 14.37
C LYS B 382 -0.16 -4.98 14.38
N PHE B 383 0.67 -5.56 13.52
CA PHE B 383 2.01 -5.06 13.31
C PHE B 383 2.02 -4.39 11.95
N THR B 384 2.26 -3.08 11.95
CA THR B 384 2.46 -2.32 10.70
C THR B 384 3.94 -2.06 10.51
N PRO B 385 4.55 -2.50 9.40
CA PRO B 385 5.99 -2.29 9.21
C PRO B 385 6.29 -0.89 8.77
N ILE B 386 7.49 -0.42 9.15
CA ILE B 386 8.02 0.86 8.70
C ILE B 386 9.32 0.69 7.92
N GLY B 387 10.18 -0.22 8.36
CA GLY B 387 11.48 -0.40 7.77
C GLY B 387 12.25 -1.45 8.55
N VAL B 388 13.57 -1.35 8.50
CA VAL B 388 14.48 -2.27 9.17
C VAL B 388 15.26 -1.49 10.24
N ASN B 389 16.04 -2.21 11.04
CA ASN B 389 16.96 -1.60 11.99
C ASN B 389 18.27 -2.39 11.92
N VAL B 390 19.30 -1.79 11.35
CA VAL B 390 20.52 -2.53 11.00
C VAL B 390 21.57 -2.29 12.06
N ASP B 391 22.16 -3.37 12.56
CA ASP B 391 23.35 -3.30 13.40
C ASP B 391 24.17 -4.56 13.20
N ASP B 392 25.35 -4.59 13.83
CA ASP B 392 26.29 -5.69 13.61
C ASP B 392 25.66 -7.03 13.92
N GLN B 393 24.78 -7.10 14.91
CA GLN B 393 24.13 -8.35 15.26
C GLN B 393 22.92 -8.66 14.39
N HIS B 394 22.38 -7.67 13.68
CA HIS B 394 21.15 -7.83 12.91
C HIS B 394 21.34 -7.19 11.54
N PRO B 395 22.00 -7.89 10.61
CA PRO B 395 22.11 -7.36 9.26
C PRO B 395 20.76 -7.44 8.56
N PHE B 396 20.63 -6.62 7.52
CA PHE B 396 19.52 -6.69 6.57
C PHE B 396 20.03 -7.50 5.38
N ARG B 397 19.55 -8.73 5.25
CA ARG B 397 19.95 -9.63 4.18
C ARG B 397 18.71 -10.01 3.35
N GLN B 398 18.53 -9.29 2.24
CA GLN B 398 17.29 -9.38 1.50
C GLN B 398 17.09 -10.72 0.81
N TRP B 399 18.16 -11.44 0.51
CA TRP B 399 18.04 -12.74 -0.16
C TRP B 399 18.11 -13.93 0.80
N SER B 400 18.20 -13.71 2.11
CA SER B 400 18.21 -14.83 3.04
C SER B 400 16.81 -15.01 3.62
N LEU B 401 16.20 -16.15 3.36
CA LEU B 401 14.84 -16.38 3.76
C LEU B 401 14.77 -16.63 5.27
N PRO B 402 13.68 -16.23 5.92
CA PRO B 402 13.48 -16.67 7.32
C PRO B 402 13.34 -18.17 7.34
N ASN B 403 13.45 -18.75 8.54
CA ASN B 403 12.91 -20.08 8.78
C ASN B 403 11.50 -19.87 9.29
N TYR B 404 10.51 -20.06 8.42
CA TYR B 404 9.14 -19.72 8.74
C TYR B 404 8.56 -20.59 9.85
N GLY B 405 9.15 -21.76 10.12
CA GLY B 405 8.67 -22.64 11.17
C GLY B 405 9.59 -22.62 12.37
N GLY B 406 10.47 -21.63 12.45
CA GLY B 406 11.50 -21.62 13.46
C GLY B 406 12.66 -22.52 13.10
N HIS B 407 13.68 -22.50 13.95
CA HIS B 407 14.93 -23.18 13.62
C HIS B 407 14.83 -24.71 13.68
N LEU B 408 13.73 -25.27 14.18
CA LEU B 408 13.56 -26.72 14.27
C LEU B 408 12.67 -27.27 13.17
N ALA B 409 12.40 -26.50 12.12
CA ALA B 409 11.61 -26.98 10.99
C ALA B 409 12.21 -26.44 9.70
N LEU B 410 12.03 -27.21 8.64
CA LEU B 410 12.47 -26.84 7.31
C LEU B 410 11.35 -26.11 6.58
N ASN B 411 11.72 -25.09 5.81
CA ASN B 411 10.75 -24.36 5.00
C ASN B 411 10.13 -25.30 3.96
N ASN B 412 8.85 -25.10 3.66
CA ASN B 412 8.16 -25.88 2.67
C ASN B 412 7.23 -24.99 1.86
N HIS B 413 6.68 -25.56 0.77
CA HIS B 413 5.74 -24.87 -0.11
C HIS B 413 6.31 -23.57 -0.69
N LEU B 414 7.63 -23.51 -0.86
CA LEU B 414 8.28 -22.29 -1.29
C LEU B 414 8.07 -22.05 -2.79
N ALA B 415 7.88 -20.80 -3.16
CA ALA B 415 8.01 -20.44 -4.57
C ALA B 415 9.43 -20.73 -5.03
N PRO B 416 9.62 -21.23 -6.24
CA PRO B 416 10.95 -21.68 -6.64
C PRO B 416 11.97 -20.55 -6.79
N ALA B 417 13.24 -20.93 -6.64
CA ALA B 417 14.33 -20.02 -6.91
C ALA B 417 14.33 -19.63 -8.38
N VAL B 418 14.84 -18.44 -8.65
CA VAL B 418 14.93 -17.91 -9.99
C VAL B 418 16.39 -17.62 -10.32
N THR B 419 16.74 -17.85 -11.58
CA THR B 419 18.07 -17.54 -12.07
C THR B 419 17.97 -17.39 -13.57
N PRO B 420 18.86 -16.61 -14.20
CA PRO B 420 18.89 -16.62 -15.66
C PRO B 420 19.45 -17.95 -16.10
N LEU B 421 18.90 -18.49 -17.18
CA LEU B 421 19.39 -19.75 -17.69
C LEU B 421 19.84 -19.57 -19.14
N PHE B 422 20.44 -18.41 -19.42
CA PHE B 422 20.87 -18.11 -20.76
C PHE B 422 22.17 -17.34 -20.69
N PRO B 423 23.09 -17.57 -21.62
CA PRO B 423 24.41 -16.91 -21.54
C PRO B 423 24.28 -15.40 -21.64
N GLY B 424 24.95 -14.69 -20.73
CA GLY B 424 25.04 -13.25 -20.76
C GLY B 424 23.85 -12.52 -20.18
N GLU B 425 22.97 -13.21 -19.49
CA GLU B 425 21.76 -12.61 -18.96
C GLU B 425 21.86 -12.48 -17.46
N GLN B 426 21.21 -11.45 -16.93
CA GLN B 426 21.01 -11.28 -15.50
C GLN B 426 19.53 -10.97 -15.26
N ILE B 427 19.07 -11.23 -14.03
CA ILE B 427 17.74 -10.79 -13.66
C ILE B 427 17.66 -9.27 -13.62
N LEU B 428 16.55 -8.74 -14.07
CA LEU B 428 16.26 -7.31 -13.94
C LEU B 428 15.28 -7.18 -12.79
N PHE B 429 15.62 -6.37 -11.81
CA PHE B 429 14.81 -6.23 -10.61
C PHE B 429 14.21 -4.84 -10.56
N PHE B 430 13.14 -4.68 -9.76
CA PHE B 430 12.55 -3.39 -9.47
C PHE B 430 12.94 -3.05 -8.03
N ARG B 431 13.63 -1.91 -7.84
CA ARG B 431 14.29 -1.62 -6.57
C ARG B 431 13.66 -0.45 -5.84
N SER B 432 13.58 -0.60 -4.51
CA SER B 432 13.19 0.49 -3.64
C SER B 432 14.25 0.61 -2.54
N HIS B 433 14.22 1.73 -1.81
CA HIS B 433 15.06 1.94 -0.64
C HIS B 433 14.16 2.23 0.54
N ILE B 434 14.18 1.34 1.52
CA ILE B 434 13.22 1.32 2.63
C ILE B 434 13.83 2.06 3.81
N PRO B 435 13.00 2.57 4.71
CA PRO B 435 13.53 3.30 5.88
C PRO B 435 14.29 2.38 6.79
N SER B 436 15.14 2.98 7.62
CA SER B 436 15.82 2.25 8.67
C SER B 436 15.83 3.08 9.94
N ALA B 437 15.73 2.36 11.06
CA ALA B 437 15.88 2.95 12.39
C ALA B 437 17.32 2.91 12.90
N GLY B 438 18.28 2.49 12.10
CA GLY B 438 19.65 2.35 12.55
C GLY B 438 20.60 1.88 11.47
N GLY B 439 21.83 2.40 11.48
CA GLY B 439 22.83 1.92 10.55
C GLY B 439 23.09 2.87 9.41
N HIS B 440 24.25 2.69 8.76
CA HIS B 440 24.56 3.37 7.52
C HIS B 440 24.14 2.41 6.40
N THR B 441 22.85 2.43 6.09
CA THR B 441 22.30 1.47 5.12
C THR B 441 21.45 2.21 4.11
N ASP B 442 21.51 1.74 2.87
CA ASP B 442 20.70 2.28 1.81
C ASP B 442 19.32 1.66 1.76
N GLY B 443 19.09 0.60 2.52
CA GLY B 443 17.78 -0.03 2.58
C GLY B 443 17.33 -0.62 1.26
N ALA B 444 18.26 -1.02 0.41
CA ALA B 444 17.87 -1.47 -0.92
C ALA B 444 17.13 -2.79 -0.84
N ILE B 445 16.00 -2.89 -1.56
CA ILE B 445 15.27 -4.14 -1.64
C ILE B 445 14.76 -4.29 -3.08
N ASP B 446 14.96 -5.48 -3.64
CA ASP B 446 14.74 -5.78 -5.05
C ASP B 446 13.61 -6.78 -5.18
N CYS B 447 12.62 -6.47 -6.00
CA CYS B 447 11.53 -7.41 -6.26
C CYS B 447 11.54 -7.83 -7.73
N LEU B 448 10.91 -9.00 -7.99
CA LEU B 448 10.89 -9.53 -9.35
C LEU B 448 9.83 -8.85 -10.21
N LEU B 449 8.74 -8.38 -9.63
CA LEU B 449 7.62 -7.81 -10.36
C LEU B 449 7.04 -6.67 -9.55
N PRO B 450 6.70 -5.53 -10.15
CA PRO B 450 5.94 -4.53 -9.39
C PRO B 450 4.62 -5.10 -8.91
N GLN B 451 4.19 -4.65 -7.73
CA GLN B 451 2.93 -5.17 -7.23
C GLN B 451 1.80 -4.96 -8.22
N GLU B 452 1.82 -3.84 -8.95
CA GLU B 452 0.76 -3.56 -9.94
C GLU B 452 0.76 -4.57 -11.09
N TRP B 453 1.92 -5.10 -11.46
CA TRP B 453 1.92 -6.14 -12.49
C TRP B 453 1.25 -7.40 -11.96
N ILE B 454 1.55 -7.77 -10.72
CA ILE B 454 0.93 -8.93 -10.10
C ILE B 454 -0.59 -8.79 -10.09
N GLU B 455 -1.06 -7.63 -9.69
CA GLU B 455 -2.49 -7.39 -9.64
C GLU B 455 -3.10 -7.55 -11.03
N HIS B 456 -2.40 -7.06 -12.04
CA HIS B 456 -2.87 -7.13 -13.42
C HIS B 456 -2.88 -8.57 -13.93
N PHE B 457 -1.81 -9.31 -13.68
CA PHE B 457 -1.76 -10.69 -14.16
C PHE B 457 -2.83 -11.53 -13.48
N TYR B 458 -3.06 -11.26 -12.20
CA TYR B 458 -4.10 -11.99 -11.50
C TYR B 458 -5.46 -11.75 -12.17
N GLN B 459 -5.72 -10.52 -12.61
CA GLN B 459 -6.97 -10.15 -13.27
C GLN B 459 -7.07 -10.77 -14.66
N GLU B 460 -6.01 -10.61 -15.44
CA GLU B 460 -6.09 -10.97 -16.85
C GLU B 460 -6.03 -12.50 -17.05
N ALA B 461 -5.23 -13.20 -16.25
CA ALA B 461 -5.07 -14.65 -16.42
C ALA B 461 -4.82 -15.04 -17.88
N ALA B 462 -3.96 -14.30 -18.57
CA ALA B 462 -3.70 -14.60 -19.97
C ALA B 462 -2.90 -15.89 -20.12
N PRO B 463 -3.28 -16.82 -21.01
CA PRO B 463 -2.49 -18.05 -21.16
C PRO B 463 -1.08 -17.79 -21.66
N SER B 464 -0.16 -18.68 -21.31
CA SER B 464 1.22 -18.59 -21.80
C SER B 464 1.38 -19.36 -23.10
N GLN B 465 1.72 -18.67 -24.18
CA GLN B 465 1.93 -19.37 -25.44
C GLN B 465 3.36 -19.86 -25.63
N SER B 466 4.24 -19.54 -24.69
CA SER B 466 5.57 -20.11 -24.58
C SER B 466 6.07 -19.83 -23.16
N ASP B 467 7.32 -20.22 -22.89
CA ASP B 467 7.91 -19.98 -21.58
C ASP B 467 8.41 -18.55 -21.41
N ILE B 468 8.47 -17.77 -22.49
CA ILE B 468 9.12 -16.45 -22.47
C ILE B 468 8.30 -15.45 -23.28
N ALA B 469 7.83 -14.40 -22.63
CA ALA B 469 7.23 -13.26 -23.33
C ALA B 469 8.31 -12.22 -23.56
N LEU B 470 8.62 -11.92 -24.83
CA LEU B 470 9.57 -10.85 -25.12
C LEU B 470 8.86 -9.54 -24.89
N VAL B 471 9.50 -8.64 -24.12
CA VAL B 471 8.90 -7.33 -23.84
C VAL B 471 9.90 -6.25 -24.21
N ARG B 472 9.38 -5.06 -24.55
CA ARG B 472 10.22 -3.95 -24.98
C ARG B 472 9.90 -2.73 -24.12
N PHE B 473 10.96 -2.08 -23.64
CA PHE B 473 10.81 -0.87 -22.83
C PHE B 473 10.80 0.30 -23.79
N ILE B 474 9.68 0.98 -23.87
CA ILE B 474 9.51 2.05 -24.84
C ILE B 474 9.36 3.38 -24.12
N ASN B 475 9.97 4.41 -24.70
CA ASN B 475 9.90 5.79 -24.23
C ASN B 475 8.76 6.42 -25.00
N PRO B 476 7.57 6.57 -24.41
CA PRO B 476 6.46 7.21 -25.14
C PRO B 476 6.73 8.67 -25.52
N ASP B 477 7.81 9.28 -25.03
CA ASP B 477 8.13 10.61 -25.52
C ASP B 477 8.68 10.58 -26.94
N THR B 478 9.26 9.44 -27.34
CA THR B 478 9.86 9.30 -28.67
C THR B 478 9.27 8.16 -29.51
N GLY B 479 8.46 7.26 -28.93
CA GLY B 479 8.02 6.07 -29.64
C GLY B 479 9.08 5.00 -29.85
N ARG B 480 10.26 5.14 -29.26
CA ARG B 480 11.41 4.31 -29.55
C ARG B 480 11.60 3.27 -28.45
N VAL B 481 12.15 2.12 -28.85
CA VAL B 481 12.50 1.06 -27.93
C VAL B 481 13.90 1.30 -27.40
N LEU B 482 14.06 1.21 -26.07
CA LEU B 482 15.34 1.45 -25.42
C LEU B 482 15.96 0.21 -24.82
N LEU B 483 15.20 -0.86 -24.66
CA LEU B 483 15.67 -2.07 -24.00
C LEU B 483 14.69 -3.18 -24.36
N GLU B 484 15.23 -4.37 -24.61
CA GLU B 484 14.46 -5.61 -24.73
C GLU B 484 14.74 -6.49 -23.51
N ALA B 485 13.69 -7.17 -23.01
CA ALA B 485 13.88 -8.13 -21.93
C ALA B 485 13.02 -9.35 -22.16
N LYS B 486 13.34 -10.41 -21.42
CA LYS B 486 12.56 -11.64 -21.42
C LYS B 486 11.73 -11.68 -20.13
N LEU B 487 10.39 -11.75 -20.27
CA LEU B 487 9.51 -11.96 -19.11
C LEU B 487 9.20 -13.45 -19.04
N HIS B 488 9.80 -14.12 -18.08
CA HIS B 488 9.65 -15.56 -17.97
C HIS B 488 8.30 -15.85 -17.35
N LYS B 489 7.64 -16.90 -17.87
CA LYS B 489 6.27 -17.20 -17.41
C LYS B 489 6.21 -17.44 -15.90
N GLN B 490 7.32 -17.81 -15.28
CA GLN B 490 7.36 -18.01 -13.84
C GLN B 490 7.31 -16.71 -13.06
N GLY B 491 7.47 -15.57 -13.72
CA GLY B 491 7.29 -14.28 -13.11
C GLY B 491 8.53 -13.51 -12.75
N PHE B 492 9.47 -13.38 -13.68
CA PHE B 492 10.66 -12.54 -13.47
C PHE B 492 11.18 -12.18 -14.85
N LEU B 493 12.01 -11.12 -14.86
CA LEU B 493 12.56 -10.61 -16.12
C LEU B 493 14.06 -10.84 -16.19
N THR B 494 14.56 -11.07 -17.41
CA THR B 494 16.02 -11.09 -17.61
C THR B 494 16.41 -10.15 -18.73
N VAL B 495 17.63 -9.64 -18.64
CA VAL B 495 18.21 -8.75 -19.65
C VAL B 495 19.63 -9.20 -19.94
N ALA B 496 20.14 -8.75 -21.10
CA ALA B 496 21.55 -8.95 -21.44
C ALA B 496 22.34 -7.86 -20.75
N ALA B 497 23.01 -8.21 -19.66
CA ALA B 497 23.72 -7.22 -18.86
C ALA B 497 24.77 -7.95 -18.06
N SER B 498 25.73 -7.17 -17.55
CA SER B 498 26.77 -7.74 -16.70
C SER B 498 27.07 -6.75 -15.58
N GLY B 499 27.13 -7.27 -14.36
CA GLY B 499 27.49 -6.46 -13.21
C GLY B 499 26.28 -6.02 -12.40
N ASP B 500 26.56 -5.36 -11.29
CA ASP B 500 25.54 -4.97 -10.33
C ASP B 500 25.41 -3.45 -10.38
N HIS B 501 24.31 -2.96 -10.98
CA HIS B 501 24.16 -1.53 -11.19
C HIS B 501 22.71 -1.20 -11.52
N PRO B 502 22.30 0.06 -11.33
CA PRO B 502 20.99 0.50 -11.80
C PRO B 502 20.87 0.45 -13.32
N ILE B 503 19.64 0.38 -13.78
CA ILE B 503 19.28 0.49 -15.20
C ILE B 503 18.54 1.82 -15.36
N VAL B 504 19.23 2.81 -15.94
CA VAL B 504 18.70 4.17 -16.02
C VAL B 504 17.79 4.31 -17.23
N MET B 505 16.60 4.88 -17.04
CA MET B 505 15.70 5.02 -18.19
C MET B 505 14.87 6.27 -18.05
N PRO B 506 14.41 6.83 -19.16
CA PRO B 506 13.44 7.93 -19.09
C PRO B 506 12.26 7.58 -18.20
N THR B 507 11.73 8.58 -17.51
CA THR B 507 10.77 8.28 -16.46
C THR B 507 9.39 8.01 -17.00
N ASN B 508 9.08 8.40 -18.22
CA ASN B 508 7.79 8.04 -18.79
C ASN B 508 7.82 6.66 -19.44
N GLY B 509 8.97 5.99 -19.41
CA GLY B 509 9.09 4.70 -20.08
C GLY B 509 8.33 3.58 -19.40
N TYR B 510 7.91 2.61 -20.22
CA TYR B 510 7.24 1.42 -19.73
C TYR B 510 7.42 0.23 -20.66
N PHE B 511 7.36 -0.98 -20.10
CA PHE B 511 7.44 -2.18 -20.90
C PHE B 511 6.13 -2.44 -21.63
N ARG B 512 6.25 -2.93 -22.87
CA ARG B 512 5.13 -3.43 -23.65
C ARG B 512 5.38 -4.89 -24.01
N PHE B 513 4.32 -5.68 -24.02
CA PHE B 513 4.45 -7.02 -24.56
C PHE B 513 4.72 -6.96 -26.06
N GLU B 514 5.63 -7.81 -26.52
CA GLU B 514 5.92 -7.89 -27.96
C GLU B 514 5.46 -9.21 -28.56
N ALA B 515 5.97 -10.33 -28.08
CA ALA B 515 5.57 -11.63 -28.62
C ALA B 515 6.02 -12.69 -27.66
N TRP B 516 5.38 -13.85 -27.74
CA TRP B 516 5.89 -15.06 -27.11
C TRP B 516 7.00 -15.65 -27.97
N VAL B 517 8.15 -15.93 -27.37
CA VAL B 517 9.29 -16.43 -28.12
C VAL B 517 9.72 -17.80 -27.58
N ASN B 518 10.44 -18.53 -28.45
CA ASN B 518 11.01 -19.83 -28.15
C ASN B 518 12.21 -19.70 -27.20
N PRO B 519 12.81 -20.81 -26.75
CA PRO B 519 13.72 -20.76 -25.60
C PRO B 519 15.14 -20.26 -25.90
N PHE B 520 15.51 -20.01 -27.15
CA PHE B 520 16.88 -19.66 -27.47
C PHE B 520 17.01 -18.26 -28.07
N TYR B 521 16.07 -17.37 -27.77
CA TYR B 521 16.10 -16.00 -28.29
C TYR B 521 17.24 -15.23 -27.64
N THR B 522 18.04 -14.53 -28.43
CA THR B 522 19.20 -13.81 -27.90
C THR B 522 18.84 -12.33 -27.74
N LEU B 523 19.15 -11.77 -26.59
CA LEU B 523 18.86 -10.36 -26.35
C LEU B 523 20.03 -9.48 -26.72
N ALA B 524 19.76 -8.33 -27.32
CA ALA B 524 20.86 -7.36 -27.51
C ALA B 524 21.15 -6.81 -26.10
N PRO B 525 22.43 -6.72 -25.69
CA PRO B 525 22.85 -5.84 -24.61
C PRO B 525 22.25 -4.45 -24.85
#